data_9LRH
#
_entry.id   9LRH
#
_cell.length_a   98.855
_cell.length_b   98.855
_cell.length_c   403.076
_cell.angle_alpha   90.00
_cell.angle_beta   90.00
_cell.angle_gamma   90.00
#
_symmetry.space_group_name_H-M   'I 41 2 2'
#
loop_
_entity.id
_entity.type
_entity.pdbx_description
1 polymer 'Killer cell immunoglobulin-like receptor 2DL2'
2 polymer 'KIR2DL2_KIR2DL2/3 agonist 61 scFV'
3 non-polymer 2-acetamido-2-deoxy-beta-D-glucopyranose
4 water water
#
loop_
_entity_poly.entity_id
_entity_poly.type
_entity_poly.pdbx_seq_one_letter_code
_entity_poly.pdbx_strand_id
1 'polypeptide(L)'
;HEGVHRKPSLLAHPGRLVKSEETVILQCWSDVRFEHFLLHREGKFKDTLHLIGEHHDGVSKANFSIGPMMQDLAGTYRCY
GSVTHSPYQLSAPSDPLDIVITGLYEKPSLSAQPGPTVLAGESVTLSCSSRSSYDMYHLSREGEAHECRFSAGPKVNGTF
QADFPLGPATHGGTYRCFGSFRDSPYEWSNSSDPLLVSVIGNPSHHHHHH
;
K
2 'polypeptide(L)'
;QVQLVQSGAEVKKPGSSVKVSCKASGGTFSSFAISWVRQAPGQGLEWMGGIIPIFGTANYAQKFQGRVTITADESTSTAY
MELSSLRSEDTAVYYCARVSGTTGGYYYGMDVWGQGTLVTVSSGGGGSGGGGSGGGGSAIRMTQSPSSVSASVGDRVTIT
CRASQGIGNWLAWYQQKPGRAPKLLISTASSLQSGVPSRFSGGGSGRGFTLTISSLQLEDFATYYCQQSYITPWTFGQGT
KVEIKGALEVLFQ
;
H,L
#
loop_
_chem_comp.id
_chem_comp.type
_chem_comp.name
_chem_comp.formula
NAG D-saccharide, beta linking 2-acetamido-2-deoxy-beta-D-glucopyranose 'C8 H15 N O6'
#
# COMPACT_ATOMS: atom_id res chain seq x y z
N VAL A 4 -21.20 20.64 -9.33
CA VAL A 4 -20.61 21.59 -8.39
C VAL A 4 -21.26 21.46 -7.03
N HIS A 5 -20.54 20.87 -6.08
CA HIS A 5 -21.04 20.69 -4.71
C HIS A 5 -20.03 21.28 -3.73
N ARG A 6 -20.51 21.55 -2.51
CA ARG A 6 -19.65 22.10 -1.49
C ARG A 6 -18.60 21.07 -1.07
N LYS A 7 -17.44 21.57 -0.67
CA LYS A 7 -16.34 20.73 -0.25
C LYS A 7 -16.69 19.95 1.01
N PRO A 8 -16.67 18.62 0.98
CA PRO A 8 -16.76 17.86 2.24
C PRO A 8 -15.55 18.15 3.11
N SER A 9 -15.79 18.26 4.42
CA SER A 9 -14.73 18.57 5.36
C SER A 9 -14.15 17.27 5.91
N LEU A 10 -12.83 17.12 5.78
CA LEU A 10 -12.13 15.91 6.18
C LEU A 10 -11.19 16.24 7.34
N LEU A 11 -11.29 15.47 8.42
CA LEU A 11 -10.43 15.62 9.58
C LEU A 11 -9.94 14.24 10.01
N ALA A 12 -8.96 14.21 10.90
CA ALA A 12 -8.34 12.97 11.35
C ALA A 12 -8.41 12.87 12.86
N HIS A 13 -8.85 11.72 13.36
CA HIS A 13 -8.88 11.43 14.79
C HIS A 13 -8.05 10.18 15.03
N PRO A 14 -7.04 10.21 15.90
CA PRO A 14 -6.60 11.32 16.76
C PRO A 14 -5.92 12.46 16.01
N GLY A 15 -4.90 12.18 15.19
CA GLY A 15 -4.22 13.23 14.44
C GLY A 15 -3.63 12.66 13.16
N ARG A 16 -3.10 13.57 12.35
CA ARG A 16 -2.50 13.17 11.08
C ARG A 16 -1.17 12.45 11.27
N LEU A 17 -0.51 12.65 12.41
CA LEU A 17 0.65 11.84 12.74
C LEU A 17 0.17 10.51 13.31
N VAL A 18 0.55 9.41 12.68
CA VAL A 18 0.17 8.07 13.11
C VAL A 18 1.42 7.21 13.20
N LYS A 19 1.57 6.47 14.29
CA LYS A 19 2.71 5.59 14.48
C LYS A 19 2.56 4.34 13.62
N SER A 20 3.70 3.70 13.37
CA SER A 20 3.70 2.44 12.63
C SER A 20 2.90 1.38 13.39
N GLU A 21 2.21 0.53 12.64
CA GLU A 21 1.41 -0.55 13.22
C GLU A 21 0.34 -0.01 14.17
N GLU A 22 -0.16 1.20 13.91
CA GLU A 22 -1.23 1.79 14.69
C GLU A 22 -2.37 2.22 13.76
N THR A 23 -3.51 2.51 14.36
CA THR A 23 -4.75 2.76 13.63
C THR A 23 -5.18 4.21 13.82
N VAL A 24 -5.67 4.82 12.74
CA VAL A 24 -6.17 6.19 12.76
C VAL A 24 -7.51 6.22 12.00
N ILE A 25 -8.40 7.09 12.45
CA ILE A 25 -9.74 7.23 11.88
C ILE A 25 -9.84 8.57 11.18
N LEU A 26 -10.35 8.56 9.95
CA LEU A 26 -10.55 9.77 9.16
C LEU A 26 -12.03 9.93 8.88
N GLN A 27 -12.54 11.14 9.12
CA GLN A 27 -13.97 11.42 9.06
C GLN A 27 -14.25 12.53 8.05
N CYS A 28 -15.25 12.32 7.20
CA CYS A 28 -15.75 13.35 6.29
C CYS A 28 -17.13 13.77 6.77
N TRP A 29 -17.32 15.06 7.02
CA TRP A 29 -18.61 15.60 7.41
C TRP A 29 -18.97 16.75 6.50
N SER A 30 -20.27 16.89 6.23
CA SER A 30 -20.75 17.95 5.34
C SER A 30 -22.22 18.20 5.64
N ASP A 31 -22.60 19.48 5.68
CA ASP A 31 -24.01 19.83 5.86
C ASP A 31 -24.86 19.25 4.74
N VAL A 32 -24.32 19.22 3.52
CA VAL A 32 -24.99 18.53 2.43
C VAL A 32 -24.94 17.03 2.69
N ARG A 33 -26.04 16.35 2.38
CA ARG A 33 -26.18 14.93 2.68
C ARG A 33 -25.82 14.11 1.45
N PHE A 34 -24.69 13.41 1.52
CA PHE A 34 -24.30 12.45 0.49
C PHE A 34 -24.54 11.05 1.02
N GLU A 35 -25.19 10.20 0.21
CA GLU A 35 -25.34 8.81 0.59
C GLU A 35 -24.01 8.07 0.56
N HIS A 36 -23.08 8.53 -0.28
CA HIS A 36 -21.81 7.84 -0.48
C HIS A 36 -20.66 8.81 -0.29
N PHE A 37 -19.60 8.34 0.36
CA PHE A 37 -18.39 9.13 0.59
C PHE A 37 -17.20 8.38 0.02
N LEU A 38 -16.28 9.13 -0.58
CA LEU A 38 -15.11 8.57 -1.24
C LEU A 38 -13.86 9.30 -0.77
N LEU A 39 -12.75 8.56 -0.70
CA LEU A 39 -11.49 9.07 -0.16
C LEU A 39 -10.34 8.62 -1.05
N HIS A 40 -9.54 9.56 -1.52
CA HIS A 40 -8.45 9.30 -2.46
C HIS A 40 -7.10 9.61 -1.80
N ARG A 41 -6.13 8.72 -2.02
CA ARG A 41 -4.78 8.88 -1.49
C ARG A 41 -3.80 9.04 -2.64
N GLU A 42 -2.93 10.05 -2.55
CA GLU A 42 -1.88 10.26 -3.52
C GLU A 42 -0.54 9.95 -2.86
N GLY A 43 0.22 9.06 -3.45
CA GLY A 43 1.50 8.67 -2.88
C GLY A 43 2.01 7.37 -3.48
N LYS A 44 2.64 6.57 -2.63
CA LYS A 44 3.20 5.30 -3.08
C LYS A 44 2.11 4.37 -3.58
N PHE A 45 1.01 4.29 -2.84
CA PHE A 45 -0.14 3.46 -3.20
C PHE A 45 -1.36 4.37 -3.28
N LYS A 46 -1.87 4.54 -4.50
CA LYS A 46 -3.10 5.30 -4.70
C LYS A 46 -4.29 4.35 -4.55
N ASP A 47 -5.24 4.73 -3.71
CA ASP A 47 -6.43 3.90 -3.51
C ASP A 47 -7.61 4.81 -3.22
N THR A 48 -8.80 4.31 -3.52
CA THR A 48 -10.04 5.04 -3.29
C THR A 48 -10.98 4.14 -2.51
N LEU A 49 -11.38 4.58 -1.32
CA LEU A 49 -12.17 3.78 -0.40
C LEU A 49 -13.59 4.35 -0.32
N HIS A 50 -14.56 3.45 -0.33
CA HIS A 50 -15.97 3.81 -0.30
C HIS A 50 -16.63 3.31 0.98
N LEU A 51 -17.45 4.17 1.59
CA LEU A 51 -18.30 3.80 2.71
C LEU A 51 -19.59 4.59 2.59
N ILE A 52 -20.72 3.91 2.76
CA ILE A 52 -22.01 4.56 2.66
C ILE A 52 -22.17 5.53 3.83
N GLY A 53 -22.80 6.67 3.56
CA GLY A 53 -22.86 7.74 4.55
C GLY A 53 -23.93 7.48 5.60
N GLU A 54 -23.63 7.89 6.83
CA GLU A 54 -24.57 7.86 7.93
C GLU A 54 -25.11 9.27 8.16
N HIS A 55 -26.43 9.41 8.16
CA HIS A 55 -27.08 10.71 8.19
C HIS A 55 -27.64 10.94 9.59
N HIS A 56 -27.05 11.90 10.30
CA HIS A 56 -27.52 12.30 11.62
C HIS A 56 -27.60 13.82 11.69
N ASP A 57 -28.58 14.31 12.45
CA ASP A 57 -28.87 15.75 12.58
C ASP A 57 -29.17 16.26 11.17
N GLY A 58 -28.48 17.29 10.68
CA GLY A 58 -28.62 17.69 9.30
C GLY A 58 -27.31 17.63 8.55
N VAL A 59 -26.36 16.85 9.07
CA VAL A 59 -25.00 16.77 8.53
C VAL A 59 -24.67 15.31 8.30
N SER A 60 -24.30 14.97 7.06
CA SER A 60 -23.88 13.61 6.75
C SER A 60 -22.42 13.42 7.12
N LYS A 61 -22.09 12.23 7.63
CA LYS A 61 -20.75 11.95 8.13
C LYS A 61 -20.38 10.52 7.78
N ALA A 62 -19.08 10.25 7.76
CA ALA A 62 -18.57 8.92 7.44
C ALA A 62 -17.19 8.73 8.07
N ASN A 63 -17.01 7.64 8.80
CA ASN A 63 -15.76 7.35 9.49
C ASN A 63 -14.99 6.30 8.69
N PHE A 64 -13.91 6.73 8.05
CA PHE A 64 -13.00 5.81 7.38
C PHE A 64 -11.87 5.44 8.34
N SER A 65 -11.51 4.16 8.35
CA SER A 65 -10.49 3.62 9.24
C SER A 65 -9.26 3.24 8.42
N ILE A 66 -8.12 3.81 8.78
CA ILE A 66 -6.83 3.37 8.25
C ILE A 66 -6.24 2.39 9.25
N GLY A 67 -6.00 1.15 8.81
CA GLY A 67 -5.67 0.06 9.69
C GLY A 67 -4.28 0.17 10.28
N PRO A 68 -3.70 -0.98 10.68
CA PRO A 68 -2.33 -0.97 11.21
C PRO A 68 -1.38 -0.27 10.25
N MET A 69 -0.85 0.87 10.67
CA MET A 69 -0.23 1.80 9.75
C MET A 69 0.97 1.19 9.04
N MET A 70 1.05 1.45 7.73
CA MET A 70 2.14 1.00 6.89
C MET A 70 2.45 2.10 5.88
N GLN A 71 3.51 1.90 5.10
CA GLN A 71 4.05 2.97 4.26
C GLN A 71 3.04 3.40 3.20
N ASP A 72 2.36 2.44 2.58
CA ASP A 72 1.46 2.76 1.48
C ASP A 72 0.28 3.60 1.94
N LEU A 73 -0.18 3.41 3.17
CA LEU A 73 -1.36 4.10 3.68
C LEU A 73 -1.07 5.55 4.06
N ALA A 74 0.11 6.08 3.75
CA ALA A 74 0.49 7.44 4.07
C ALA A 74 0.50 8.28 2.80
N GLY A 75 -0.08 9.47 2.86
CA GLY A 75 -0.16 10.32 1.70
C GLY A 75 -1.23 11.38 1.88
N THR A 76 -1.43 12.13 0.80
CA THR A 76 -2.40 13.23 0.79
C THR A 76 -3.79 12.64 0.54
N TYR A 77 -4.62 12.63 1.59
CA TYR A 77 -5.97 12.10 1.50
C TYR A 77 -6.94 13.24 1.20
N ARG A 78 -7.81 13.01 0.23
CA ARG A 78 -8.86 13.95 -0.14
C ARG A 78 -10.18 13.20 -0.12
N CYS A 79 -11.22 13.85 0.40
CA CYS A 79 -12.53 13.23 0.51
C CYS A 79 -13.48 13.84 -0.51
N TYR A 80 -14.14 12.98 -1.28
CA TYR A 80 -15.16 13.38 -2.24
C TYR A 80 -16.49 12.80 -1.81
N GLY A 81 -17.58 13.50 -2.13
CA GLY A 81 -18.91 13.06 -1.79
C GLY A 81 -19.81 13.01 -3.01
N SER A 82 -20.85 12.18 -2.90
CA SER A 82 -21.80 12.01 -3.99
C SER A 82 -23.16 11.62 -3.43
N VAL A 83 -24.21 12.30 -3.90
CA VAL A 83 -25.56 11.90 -3.54
C VAL A 83 -26.02 10.72 -4.39
N THR A 84 -25.53 10.62 -5.62
CA THR A 84 -25.90 9.55 -6.53
C THR A 84 -25.14 8.28 -6.20
N HIS A 85 -25.47 7.19 -6.91
CA HIS A 85 -24.96 5.87 -6.59
C HIS A 85 -23.99 5.45 -7.67
N SER A 86 -24.46 4.79 -8.74
CA SER A 86 -23.54 4.22 -9.72
C SER A 86 -22.64 5.24 -10.40
N PRO A 87 -23.14 6.35 -10.96
CA PRO A 87 -22.22 7.31 -11.60
C PRO A 87 -21.37 8.09 -10.62
N TYR A 88 -21.75 8.14 -9.35
CA TYR A 88 -20.99 8.84 -8.31
C TYR A 88 -20.74 10.30 -8.71
N GLN A 89 -21.84 11.01 -9.01
CA GLN A 89 -21.77 12.44 -9.29
C GLN A 89 -21.06 13.14 -8.15
N LEU A 90 -19.81 13.55 -8.38
CA LEU A 90 -18.87 13.82 -7.30
C LEU A 90 -18.89 15.28 -6.85
N SER A 91 -18.53 15.48 -5.58
CA SER A 91 -18.44 16.80 -4.98
C SER A 91 -17.08 17.42 -5.26
N ALA A 92 -16.93 18.68 -4.85
CA ALA A 92 -15.63 19.32 -4.91
C ALA A 92 -14.67 18.61 -3.96
N PRO A 93 -13.37 18.65 -4.24
CA PRO A 93 -12.42 17.93 -3.38
C PRO A 93 -12.37 18.52 -1.98
N SER A 94 -12.21 17.64 -0.99
CA SER A 94 -11.95 18.10 0.36
C SER A 94 -10.62 18.83 0.41
N ASP A 95 -10.45 19.69 1.41
CA ASP A 95 -9.15 20.31 1.63
C ASP A 95 -8.14 19.21 1.92
N PRO A 96 -6.96 19.23 1.29
CA PRO A 96 -6.06 18.08 1.39
C PRO A 96 -5.55 17.87 2.79
N LEU A 97 -5.49 16.60 3.19
CA LEU A 97 -4.97 16.20 4.50
C LEU A 97 -3.86 15.18 4.31
N ASP A 98 -2.69 15.48 4.84
CA ASP A 98 -1.51 14.62 4.67
C ASP A 98 -1.34 13.77 5.92
N ILE A 99 -1.44 12.46 5.76
CA ILE A 99 -1.23 11.49 6.85
C ILE A 99 0.18 10.94 6.72
N VAL A 100 0.96 11.05 7.80
CA VAL A 100 2.36 10.64 7.80
C VAL A 100 2.55 9.50 8.80
N ILE A 101 3.47 8.60 8.45
CA ILE A 101 3.83 7.46 9.31
C ILE A 101 5.08 7.84 10.09
N THR A 102 5.11 7.49 11.37
CA THR A 102 6.21 7.83 12.25
C THR A 102 6.86 6.57 12.81
N GLY A 103 8.16 6.62 13.03
CA GLY A 103 8.91 5.53 13.62
C GLY A 103 9.72 4.69 12.66
N LEU A 104 9.71 5.01 11.37
CA LEU A 104 10.42 4.19 10.40
C LEU A 104 11.93 4.36 10.52
N TYR A 105 12.39 5.58 10.75
CA TYR A 105 13.81 5.90 10.79
C TYR A 105 14.26 6.16 12.22
N GLU A 106 15.56 6.37 12.36
CA GLU A 106 16.18 6.66 13.66
C GLU A 106 15.67 7.99 14.22
N LYS A 107 15.62 8.05 15.57
CA LYS A 107 15.17 9.22 16.32
C LYS A 107 16.19 10.36 16.24
N PRO A 108 15.70 11.60 16.17
CA PRO A 108 16.57 12.78 16.25
C PRO A 108 16.64 13.31 17.67
N SER A 109 17.29 14.45 17.85
CA SER A 109 17.47 15.07 19.16
C SER A 109 17.00 16.52 19.11
N LEU A 110 16.30 16.95 20.16
CA LEU A 110 15.71 18.27 20.24
C LEU A 110 16.34 19.03 21.40
N SER A 111 16.86 20.22 21.11
CA SER A 111 17.46 21.09 22.11
C SER A 111 16.67 22.39 22.19
N ALA A 112 17.00 23.20 23.20
CA ALA A 112 16.31 24.48 23.43
C ALA A 112 17.33 25.54 23.83
N GLN A 113 17.47 26.56 22.99
CA GLN A 113 18.24 27.74 23.34
C GLN A 113 17.30 28.92 23.51
N PRO A 114 17.38 29.66 24.63
CA PRO A 114 18.36 29.57 25.73
C PRO A 114 18.23 28.31 26.58
N GLY A 115 17.07 28.02 27.15
CA GLY A 115 16.90 26.86 27.98
C GLY A 115 15.49 26.30 27.96
N PRO A 116 15.33 25.07 28.45
CA PRO A 116 13.99 24.47 28.47
C PRO A 116 13.01 25.24 29.35
N THR A 117 13.45 25.68 30.52
CA THR A 117 12.64 26.51 31.40
C THR A 117 13.09 27.96 31.25
N VAL A 118 12.15 28.85 30.94
CA VAL A 118 12.48 30.22 30.60
C VAL A 118 11.40 31.14 31.15
N LEU A 119 11.77 32.39 31.41
CA LEU A 119 10.81 33.38 31.84
C LEU A 119 9.94 33.82 30.67
N ALA A 120 8.79 34.42 30.99
CA ALA A 120 7.87 34.85 29.95
C ALA A 120 8.49 35.97 29.13
N GLY A 121 8.18 35.98 27.83
CA GLY A 121 8.70 36.97 26.91
C GLY A 121 10.04 36.64 26.30
N GLU A 122 10.87 35.82 26.98
CA GLU A 122 12.18 35.48 26.44
C GLU A 122 12.00 34.52 25.27
N SER A 123 12.39 34.97 24.08
CA SER A 123 12.19 34.16 22.88
C SER A 123 13.07 32.91 22.94
N VAL A 124 12.48 31.78 22.57
CA VAL A 124 13.15 30.48 22.59
C VAL A 124 13.23 29.95 21.16
N THR A 125 14.37 29.37 20.83
CA THR A 125 14.61 28.80 19.50
C THR A 125 14.98 27.33 19.69
N LEU A 126 14.01 26.43 19.53
CA LEU A 126 14.29 25.01 19.61
C LEU A 126 15.05 24.56 18.37
N SER A 127 15.91 23.56 18.55
CA SER A 127 16.76 23.07 17.47
C SER A 127 16.73 21.55 17.42
N CYS A 128 16.60 21.01 16.21
N CYS A 128 16.77 21.01 16.21
CA CYS A 128 16.67 19.58 15.98
CA CYS A 128 16.63 19.58 15.98
C CYS A 128 17.98 19.23 15.30
C CYS A 128 17.81 19.09 15.16
N SER A 129 18.52 18.08 15.65
CA SER A 129 19.75 17.62 15.01
C SER A 129 19.86 16.10 15.13
N SER A 130 20.50 15.49 14.13
CA SER A 130 20.76 14.06 14.12
C SER A 130 21.86 13.76 13.11
N ARG A 131 22.61 12.69 13.36
CA ARG A 131 23.69 12.32 12.45
C ARG A 131 23.16 11.82 11.12
N SER A 132 21.92 11.32 11.10
CA SER A 132 21.32 10.86 9.86
C SER A 132 21.14 12.02 8.90
N SER A 133 21.29 11.74 7.61
CA SER A 133 21.20 12.76 6.58
C SER A 133 19.74 13.09 6.25
N TYR A 134 18.95 13.40 7.27
CA TYR A 134 17.57 13.79 7.05
C TYR A 134 17.51 15.07 6.22
N ASP A 135 16.70 15.04 5.15
CA ASP A 135 16.60 16.21 4.29
C ASP A 135 15.77 17.31 4.93
N MET A 136 14.80 16.94 5.76
CA MET A 136 13.90 17.92 6.36
C MET A 136 13.53 17.44 7.76
N TYR A 137 13.31 18.41 8.65
CA TYR A 137 12.91 18.14 10.02
C TYR A 137 11.54 18.74 10.28
N HIS A 138 10.72 18.04 11.06
CA HIS A 138 9.37 18.48 11.37
C HIS A 138 9.19 18.54 12.89
N LEU A 139 8.49 19.60 13.35
CA LEU A 139 8.29 19.84 14.76
C LEU A 139 6.81 19.65 15.10
N SER A 140 6.55 19.10 16.29
CA SER A 140 5.20 18.81 16.76
C SER A 140 5.01 19.35 18.16
N ARG A 141 3.98 20.16 18.36
CA ARG A 141 3.63 20.69 19.68
C ARG A 141 2.37 19.99 20.18
N GLU A 142 2.46 19.41 21.37
CA GLU A 142 1.31 18.80 22.04
C GLU A 142 0.65 17.74 21.16
N GLY A 143 1.46 17.06 20.34
CA GLY A 143 0.98 15.99 19.50
C GLY A 143 0.61 16.38 18.08
N GLU A 144 0.66 17.66 17.74
CA GLU A 144 0.28 18.09 16.39
C GLU A 144 0.78 19.50 16.09
N ALA A 145 1.50 19.67 14.99
CA ALA A 145 1.96 20.98 14.56
C ALA A 145 2.23 20.95 13.07
N HIS A 146 2.47 22.14 12.49
CA HIS A 146 2.73 22.28 11.06
C HIS A 146 3.89 23.28 10.88
N GLU A 147 5.10 22.84 11.24
CA GLU A 147 6.31 23.63 11.08
C GLU A 147 7.39 22.74 10.50
N CYS A 148 7.61 22.85 9.19
CA CYS A 148 8.60 22.06 8.47
C CYS A 148 9.72 22.97 7.98
N ARG A 149 10.96 22.63 8.31
CA ARG A 149 12.11 23.41 7.89
C ARG A 149 13.19 22.47 7.37
N PHE A 150 13.92 22.94 6.38
CA PHE A 150 14.94 22.12 5.72
C PHE A 150 16.16 21.94 6.63
N SER A 151 16.88 20.85 6.40
CA SER A 151 18.08 20.57 7.17
C SER A 151 19.26 21.38 6.65
N ALA A 152 20.23 21.60 7.53
CA ALA A 152 21.47 22.23 7.11
C ALA A 152 22.38 21.22 6.44
N GLY A 153 23.41 21.73 5.77
CA GLY A 153 24.42 20.88 5.19
C GLY A 153 25.15 20.11 6.27
N PRO A 154 25.98 19.13 5.87
CA PRO A 154 26.74 18.35 6.86
C PRO A 154 27.57 19.25 7.77
N LYS A 155 27.10 19.46 8.99
CA LYS A 155 27.72 20.38 9.92
C LYS A 155 29.13 19.91 10.29
N VAL A 156 29.91 20.84 10.84
CA VAL A 156 31.28 20.53 11.25
C VAL A 156 31.29 19.39 12.26
N ASN A 157 30.30 19.35 13.14
CA ASN A 157 30.18 18.26 14.10
C ASN A 157 29.67 16.97 13.46
N GLY A 158 29.46 16.96 12.15
CA GLY A 158 28.94 15.80 11.47
C GLY A 158 27.44 15.64 11.53
N THR A 159 26.72 16.68 11.95
CA THR A 159 25.29 16.61 12.17
C THR A 159 24.53 17.29 11.04
N PHE A 160 23.23 16.96 10.96
CA PHE A 160 22.28 17.65 10.08
C PHE A 160 21.22 18.27 10.97
N GLN A 161 21.14 19.60 10.94
CA GLN A 161 20.41 20.36 11.95
C GLN A 161 19.51 21.39 11.31
N ALA A 162 18.39 21.66 11.96
CA ALA A 162 17.48 22.73 11.59
C ALA A 162 17.01 23.45 12.84
N ASP A 163 17.02 24.78 12.81
CA ASP A 163 16.67 25.59 13.97
C ASP A 163 15.24 26.09 13.83
N PHE A 164 14.40 25.81 14.83
CA PHE A 164 13.01 26.24 14.82
C PHE A 164 12.84 27.41 15.78
N PRO A 165 12.58 28.62 15.28
CA PRO A 165 12.37 29.75 16.19
C PRO A 165 10.94 29.83 16.70
N LEU A 166 10.72 29.39 17.94
CA LEU A 166 9.38 29.46 18.53
C LEU A 166 8.96 30.89 18.82
N GLY A 167 9.90 31.81 18.95
CA GLY A 167 9.58 33.19 19.26
C GLY A 167 9.36 33.41 20.73
N PRO A 168 8.85 34.58 21.09
CA PRO A 168 8.58 34.87 22.50
C PRO A 168 7.60 33.88 23.10
N ALA A 169 8.00 33.27 24.21
CA ALA A 169 7.25 32.21 24.84
C ALA A 169 6.49 32.75 26.05
N THR A 170 5.16 32.55 26.05
CA THR A 170 4.32 32.87 27.19
C THR A 170 3.59 31.64 27.74
N HIS A 171 3.31 30.65 26.90
CA HIS A 171 2.61 29.43 27.30
C HIS A 171 3.54 28.25 27.08
N GLY A 172 3.72 27.44 28.11
CA GLY A 172 4.54 26.26 28.00
C GLY A 172 3.91 25.19 27.11
N GLY A 173 4.69 24.15 26.86
CA GLY A 173 4.22 23.06 26.01
C GLY A 173 5.30 22.02 25.86
N THR A 174 4.90 20.86 25.36
CA THR A 174 5.78 19.72 25.14
C THR A 174 5.97 19.56 23.62
N TYR A 175 7.18 19.81 23.15
CA TYR A 175 7.48 19.77 21.73
C TYR A 175 8.28 18.52 21.39
N ARG A 176 8.01 17.97 20.22
CA ARG A 176 8.68 16.77 19.72
C ARG A 176 9.14 17.03 18.29
N CYS A 177 10.20 16.32 17.87
CA CYS A 177 10.79 16.53 16.56
C CYS A 177 10.90 15.22 15.80
N PHE A 178 10.71 15.29 14.48
CA PHE A 178 10.75 14.14 13.59
C PHE A 178 11.61 14.47 12.38
N GLY A 179 12.17 13.43 11.75
CA GLY A 179 13.01 13.59 10.58
C GLY A 179 12.42 12.88 9.37
N SER A 180 12.67 13.46 8.19
CA SER A 180 12.13 12.93 6.96
C SER A 180 13.11 13.15 5.82
N PHE A 181 12.92 12.37 4.75
CA PHE A 181 13.73 12.48 3.53
C PHE A 181 12.87 13.03 2.41
N ARG A 182 13.56 13.55 1.38
CA ARG A 182 12.86 14.11 0.23
C ARG A 182 12.20 13.02 -0.60
N ASP A 183 12.86 11.86 -0.74
CA ASP A 183 12.31 10.78 -1.56
C ASP A 183 11.06 10.18 -0.94
N SER A 184 10.99 10.11 0.40
CA SER A 184 9.82 9.62 1.12
C SER A 184 9.30 10.75 2.00
N PRO A 185 8.55 11.68 1.42
CA PRO A 185 8.15 12.86 2.20
C PRO A 185 7.18 12.55 3.32
N TYR A 186 6.20 11.68 3.08
CA TYR A 186 5.17 11.37 4.07
C TYR A 186 5.59 10.24 5.00
N GLU A 187 6.86 9.83 4.97
CA GLU A 187 7.38 8.79 5.85
C GLU A 187 8.39 9.44 6.79
N TRP A 188 8.08 9.45 8.09
CA TRP A 188 8.87 10.17 9.08
C TRP A 188 9.55 9.19 10.03
N SER A 189 10.42 9.74 10.88
CA SER A 189 11.29 8.97 11.74
C SER A 189 10.64 8.71 13.10
N ASN A 190 11.42 8.17 14.03
CA ASN A 190 10.99 8.06 15.41
C ASN A 190 10.84 9.46 16.03
N SER A 191 10.25 9.51 17.21
CA SER A 191 10.02 10.78 17.88
C SER A 191 11.23 11.19 18.69
N SER A 192 11.59 12.47 18.59
CA SER A 192 12.60 13.01 19.50
C SER A 192 12.07 12.94 20.92
N ASP A 193 12.97 12.63 21.86
CA ASP A 193 12.57 12.57 23.26
C ASP A 193 11.92 13.89 23.65
N PRO A 194 10.74 13.86 24.26
CA PRO A 194 9.95 15.10 24.41
C PRO A 194 10.67 16.13 25.26
N LEU A 195 10.52 17.40 24.86
CA LEU A 195 11.11 18.54 25.54
C LEU A 195 10.00 19.45 26.01
N LEU A 196 10.01 19.78 27.30
CA LEU A 196 8.96 20.59 27.92
C LEU A 196 9.46 22.01 28.08
N VAL A 197 8.88 22.93 27.32
CA VAL A 197 9.12 24.35 27.52
C VAL A 197 8.32 24.79 28.73
N SER A 198 9.02 25.30 29.75
CA SER A 198 8.39 25.72 31.00
C SER A 198 8.53 27.22 31.14
N VAL A 199 7.40 27.91 31.30
CA VAL A 199 7.37 29.36 31.43
C VAL A 199 7.13 29.71 32.88
N ILE A 200 8.05 30.48 33.46
CA ILE A 200 7.90 31.03 34.81
C ILE A 200 7.50 32.49 34.67
N GLY A 201 6.35 32.85 35.21
CA GLY A 201 5.78 34.18 35.03
C GLY A 201 5.63 34.91 36.36
N ASN A 202 5.99 36.19 36.36
CA ASN A 202 5.84 37.04 37.53
C ASN A 202 5.03 38.30 37.19
N GLN B 1 -20.62 -13.85 -10.06
CA GLN B 1 -20.06 -14.47 -11.24
C GLN B 1 -19.10 -13.52 -11.96
N VAL B 2 -18.35 -12.75 -11.17
CA VAL B 2 -17.39 -11.81 -11.75
C VAL B 2 -16.29 -12.59 -12.45
N GLN B 3 -16.09 -12.31 -13.73
CA GLN B 3 -15.10 -13.00 -14.53
C GLN B 3 -14.41 -12.00 -15.45
N LEU B 4 -13.20 -12.35 -15.88
CA LEU B 4 -12.35 -11.46 -16.68
C LEU B 4 -11.93 -12.18 -17.95
N VAL B 5 -12.12 -11.52 -19.09
CA VAL B 5 -11.73 -12.05 -20.39
C VAL B 5 -10.61 -11.18 -20.94
N GLN B 6 -9.50 -11.80 -21.31
CA GLN B 6 -8.33 -11.08 -21.79
C GLN B 6 -8.24 -11.15 -23.30
N SER B 7 -7.45 -10.25 -23.87
CA SER B 7 -7.25 -10.19 -25.31
C SER B 7 -6.53 -11.45 -25.81
N GLY B 8 -6.65 -11.70 -27.10
CA GLY B 8 -6.02 -12.86 -27.69
C GLY B 8 -4.51 -12.77 -27.66
N ALA B 9 -3.87 -13.95 -27.72
CA ALA B 9 -2.42 -14.00 -27.70
C ALA B 9 -1.84 -13.32 -28.93
N GLU B 10 -0.79 -12.54 -28.71
CA GLU B 10 -0.15 -11.78 -29.76
C GLU B 10 1.35 -12.06 -29.77
N VAL B 11 1.94 -11.98 -30.96
CA VAL B 11 3.37 -12.18 -31.15
C VAL B 11 3.92 -10.96 -31.88
N LYS B 12 4.92 -10.31 -31.30
CA LYS B 12 5.52 -9.11 -31.89
C LYS B 12 7.03 -9.19 -31.80
N LYS B 13 7.68 -8.28 -32.53
CA LYS B 13 9.12 -8.20 -32.66
C LYS B 13 9.71 -7.28 -31.59
N PRO B 14 11.01 -7.38 -31.33
CA PRO B 14 11.65 -6.46 -30.38
C PRO B 14 11.49 -5.01 -30.82
N GLY B 15 11.36 -4.12 -29.83
CA GLY B 15 11.16 -2.71 -30.10
C GLY B 15 9.74 -2.29 -30.36
N SER B 16 8.83 -3.24 -30.61
CA SER B 16 7.44 -2.91 -30.87
C SER B 16 6.71 -2.63 -29.56
N SER B 17 5.39 -2.44 -29.66
CA SER B 17 4.54 -2.18 -28.52
C SER B 17 3.33 -3.10 -28.57
N VAL B 18 2.88 -3.54 -27.39
CA VAL B 18 1.78 -4.49 -27.26
C VAL B 18 0.76 -3.90 -26.28
N LYS B 19 -0.52 -4.05 -26.63
CA LYS B 19 -1.63 -3.60 -25.78
C LYS B 19 -2.53 -4.79 -25.50
N VAL B 20 -2.72 -5.10 -24.22
CA VAL B 20 -3.55 -6.23 -23.79
C VAL B 20 -4.82 -5.69 -23.15
N SER B 21 -5.96 -6.29 -23.50
CA SER B 21 -7.26 -5.84 -23.02
C SER B 21 -7.82 -6.84 -22.02
N CYS B 22 -8.44 -6.33 -20.95
CA CYS B 22 -9.03 -7.15 -19.90
C CYS B 22 -10.50 -6.77 -19.76
N LYS B 23 -11.39 -7.65 -20.21
CA LYS B 23 -12.82 -7.39 -20.23
C LYS B 23 -13.44 -7.75 -18.89
N ALA B 24 -14.26 -6.86 -18.36
CA ALA B 24 -14.89 -7.04 -17.06
C ALA B 24 -16.38 -7.34 -17.21
N SER B 25 -16.87 -8.28 -16.43
CA SER B 25 -18.28 -8.67 -16.45
C SER B 25 -18.64 -9.23 -15.09
N GLY B 26 -19.85 -8.93 -14.63
CA GLY B 26 -20.34 -9.42 -13.36
C GLY B 26 -20.42 -8.40 -12.25
N GLY B 27 -20.19 -7.12 -12.54
CA GLY B 27 -20.23 -6.11 -11.49
C GLY B 27 -19.91 -4.75 -12.06
N THR B 28 -19.91 -3.76 -11.17
CA THR B 28 -19.60 -2.39 -11.55
C THR B 28 -18.09 -2.25 -11.76
N PHE B 29 -17.69 -1.74 -12.92
CA PHE B 29 -16.27 -1.65 -13.26
C PHE B 29 -15.54 -0.72 -12.29
N SER B 30 -16.22 0.35 -11.84
CA SER B 30 -15.58 1.31 -10.97
C SER B 30 -15.22 0.69 -9.63
N SER B 31 -16.07 -0.21 -9.12
CA SER B 31 -15.82 -0.78 -7.80
C SER B 31 -14.58 -1.66 -7.79
N PHE B 32 -14.27 -2.29 -8.92
CA PHE B 32 -13.17 -3.24 -8.99
C PHE B 32 -11.83 -2.53 -9.08
N ALA B 33 -10.82 -3.10 -8.43
CA ALA B 33 -9.44 -2.64 -8.53
C ALA B 33 -8.65 -3.74 -9.21
N ILE B 34 -8.30 -3.52 -10.48
CA ILE B 34 -7.71 -4.55 -11.33
C ILE B 34 -6.21 -4.32 -11.42
N SER B 35 -5.45 -5.42 -11.31
CA SER B 35 -4.01 -5.38 -11.41
C SER B 35 -3.55 -6.37 -12.47
N TRP B 36 -2.35 -6.12 -13.00
CA TRP B 36 -1.74 -6.97 -14.01
C TRP B 36 -0.54 -7.71 -13.41
N VAL B 37 -0.54 -9.04 -13.55
CA VAL B 37 0.52 -9.89 -13.03
C VAL B 37 1.12 -10.67 -14.19
N ARG B 38 2.45 -10.70 -14.25
CA ARG B 38 3.18 -11.35 -15.33
C ARG B 38 3.82 -12.63 -14.83
N GLN B 39 3.67 -13.71 -15.60
CA GLN B 39 4.32 -14.99 -15.33
C GLN B 39 5.27 -15.28 -16.48
N ALA B 40 6.58 -15.18 -16.22
CA ALA B 40 7.60 -15.39 -17.23
C ALA B 40 8.40 -16.64 -16.94
N PRO B 41 8.75 -17.43 -17.96
CA PRO B 41 9.68 -18.53 -17.74
C PRO B 41 10.99 -18.03 -17.15
N GLY B 42 11.19 -18.26 -15.86
CA GLY B 42 12.32 -17.73 -15.11
C GLY B 42 11.91 -16.77 -14.02
N GLN B 43 10.68 -16.25 -14.06
CA GLN B 43 10.14 -15.37 -13.04
C GLN B 43 8.75 -15.89 -12.68
N GLY B 44 8.61 -16.44 -11.47
CA GLY B 44 7.35 -16.99 -11.01
C GLY B 44 6.15 -16.11 -11.24
N LEU B 45 6.00 -15.04 -10.45
CA LEU B 45 4.93 -14.08 -10.65
C LEU B 45 5.45 -12.70 -10.26
N GLU B 46 5.07 -11.69 -11.03
CA GLU B 46 5.51 -10.32 -10.75
C GLU B 46 4.31 -9.38 -10.88
N TRP B 47 4.16 -8.49 -9.91
CA TRP B 47 3.09 -7.49 -9.93
C TRP B 47 3.60 -6.29 -10.70
N MET B 48 3.11 -6.12 -11.93
CA MET B 48 3.53 -4.97 -12.74
C MET B 48 2.88 -3.69 -12.25
N GLY B 49 1.59 -3.74 -11.95
CA GLY B 49 0.88 -2.56 -11.51
C GLY B 49 -0.61 -2.84 -11.41
N GLY B 50 -1.37 -1.77 -11.21
CA GLY B 50 -2.80 -1.89 -11.11
C GLY B 50 -3.46 -0.53 -11.20
N ILE B 51 -4.78 -0.56 -11.40
CA ILE B 51 -5.58 0.64 -11.47
C ILE B 51 -6.27 0.87 -10.13
N ILE B 52 -6.37 2.12 -9.71
CA ILE B 52 -7.08 2.48 -8.50
C ILE B 52 -8.57 2.27 -8.79
N PRO B 53 -9.42 2.05 -7.78
CA PRO B 53 -10.80 1.67 -8.05
C PRO B 53 -11.62 2.69 -8.82
N ILE B 54 -11.93 3.83 -8.20
CA ILE B 54 -12.99 4.68 -8.72
C ILE B 54 -12.49 5.59 -9.83
N PHE B 55 -11.34 6.23 -9.63
CA PHE B 55 -10.88 7.26 -10.55
C PHE B 55 -10.07 6.73 -11.73
N GLY B 56 -9.68 5.46 -11.70
CA GLY B 56 -9.02 4.87 -12.85
C GLY B 56 -7.56 5.19 -13.03
N THR B 57 -6.95 5.94 -12.12
CA THR B 57 -5.50 6.14 -12.21
C THR B 57 -4.78 4.83 -11.86
N ALA B 58 -3.46 4.82 -12.02
CA ALA B 58 -2.71 3.58 -11.95
C ALA B 58 -1.50 3.71 -11.04
N ASN B 59 -1.20 2.64 -10.32
CA ASN B 59 0.07 2.49 -9.63
C ASN B 59 0.96 1.56 -10.44
N TYR B 60 2.25 1.85 -10.47
CA TYR B 60 3.21 1.07 -11.23
C TYR B 60 4.36 0.63 -10.34
N ALA B 61 4.91 -0.53 -10.67
CA ALA B 61 6.13 -1.00 -10.03
C ALA B 61 7.34 -0.33 -10.67
N GLN B 62 8.41 -0.20 -9.89
CA GLN B 62 9.57 0.56 -10.34
C GLN B 62 10.20 -0.07 -11.57
N LYS B 63 10.28 -1.41 -11.60
CA LYS B 63 10.90 -2.09 -12.73
C LYS B 63 10.14 -1.82 -14.02
N PHE B 64 8.82 -1.75 -13.95
CA PHE B 64 7.99 -1.62 -15.13
C PHE B 64 7.54 -0.19 -15.39
N GLN B 65 7.83 0.75 -14.50
CA GLN B 65 7.52 2.14 -14.76
C GLN B 65 8.43 2.68 -15.85
N GLY B 66 7.85 3.45 -16.78
CA GLY B 66 8.56 3.98 -17.91
C GLY B 66 8.26 3.27 -19.22
N ARG B 67 7.92 1.99 -19.16
CA ARG B 67 7.53 1.25 -20.36
C ARG B 67 6.10 0.75 -20.33
N VAL B 68 5.45 0.78 -19.17
CA VAL B 68 4.11 0.23 -18.98
C VAL B 68 3.14 1.35 -18.63
N THR B 69 2.00 1.36 -19.31
CA THR B 69 0.90 2.27 -19.01
C THR B 69 -0.37 1.43 -18.88
N ILE B 70 -1.06 1.57 -17.76
CA ILE B 70 -2.29 0.81 -17.50
C ILE B 70 -3.45 1.78 -17.50
N THR B 71 -4.40 1.57 -18.42
CA THR B 71 -5.53 2.46 -18.60
C THR B 71 -6.83 1.65 -18.53
N ALA B 72 -7.95 2.36 -18.59
CA ALA B 72 -9.25 1.72 -18.52
C ALA B 72 -10.30 2.66 -19.08
N ASP B 73 -11.40 2.07 -19.54
CA ASP B 73 -12.56 2.82 -20.04
C ASP B 73 -13.81 2.25 -19.40
N GLU B 74 -14.60 3.12 -18.76
CA GLU B 74 -15.80 2.66 -18.07
C GLU B 74 -16.83 2.11 -19.06
N SER B 75 -17.03 2.82 -20.18
CA SER B 75 -18.02 2.38 -21.16
C SER B 75 -17.65 1.02 -21.73
N THR B 76 -16.38 0.85 -22.12
CA THR B 76 -15.92 -0.44 -22.61
C THR B 76 -15.91 -1.49 -21.51
N SER B 77 -15.89 -1.06 -20.23
CA SER B 77 -15.75 -1.98 -19.11
C SER B 77 -14.51 -2.86 -19.27
N THR B 78 -13.44 -2.26 -19.76
CA THR B 78 -12.24 -2.98 -20.15
C THR B 78 -11.01 -2.24 -19.66
N ALA B 79 -10.03 -2.98 -19.16
CA ALA B 79 -8.74 -2.45 -18.75
C ALA B 79 -7.70 -2.76 -19.81
N TYR B 80 -6.64 -1.95 -19.84
CA TYR B 80 -5.60 -2.09 -20.86
C TYR B 80 -4.23 -1.96 -20.22
N MET B 81 -3.27 -2.68 -20.79
CA MET B 81 -1.87 -2.64 -20.38
C MET B 81 -1.02 -2.56 -21.63
N GLU B 82 -0.08 -1.62 -21.67
CA GLU B 82 0.73 -1.37 -22.86
C GLU B 82 2.20 -1.38 -22.49
N LEU B 83 2.97 -2.24 -23.15
CA LEU B 83 4.41 -2.32 -22.95
C LEU B 83 5.09 -1.62 -24.12
N SER B 84 5.73 -0.48 -23.84
CA SER B 84 6.19 0.40 -24.91
C SER B 84 7.33 -0.22 -25.71
N SER B 85 8.43 -0.57 -25.06
CA SER B 85 9.61 -1.08 -25.72
C SER B 85 9.72 -2.56 -25.41
N LEU B 86 9.27 -3.40 -26.36
CA LEU B 86 9.33 -4.84 -26.17
C LEU B 86 10.77 -5.33 -26.20
N ARG B 87 11.10 -6.21 -25.27
CA ARG B 87 12.41 -6.82 -25.20
C ARG B 87 12.24 -8.32 -25.10
N SER B 88 13.24 -9.06 -25.61
CA SER B 88 13.12 -10.52 -25.71
C SER B 88 12.77 -11.16 -24.37
N GLU B 89 13.26 -10.58 -23.27
CA GLU B 89 12.96 -11.11 -21.95
C GLU B 89 11.52 -10.83 -21.54
N ASP B 90 10.86 -9.85 -22.16
CA ASP B 90 9.47 -9.55 -21.83
C ASP B 90 8.51 -10.64 -22.29
N THR B 91 8.99 -11.62 -23.06
CA THR B 91 8.16 -12.74 -23.47
C THR B 91 7.63 -13.49 -22.26
N ALA B 92 6.32 -13.45 -22.07
CA ALA B 92 5.70 -14.03 -20.89
C ALA B 92 4.20 -14.09 -21.09
N VAL B 93 3.52 -14.75 -20.17
CA VAL B 93 2.07 -14.75 -20.10
C VAL B 93 1.66 -13.62 -19.14
N TYR B 94 0.68 -12.82 -19.56
CA TYR B 94 0.27 -11.64 -18.82
C TYR B 94 -1.17 -11.80 -18.37
N TYR B 95 -1.39 -11.82 -17.06
CA TYR B 95 -2.70 -12.00 -16.47
C TYR B 95 -3.24 -10.67 -15.96
N CYS B 96 -4.57 -10.56 -15.92
CA CYS B 96 -5.25 -9.47 -15.24
C CYS B 96 -6.14 -10.06 -14.14
N ALA B 97 -6.15 -9.39 -12.99
CA ALA B 97 -6.86 -9.92 -11.83
C ALA B 97 -7.40 -8.75 -11.01
N ARG B 98 -8.54 -8.99 -10.36
CA ARG B 98 -9.14 -8.02 -9.46
C ARG B 98 -8.61 -8.27 -8.05
N VAL B 99 -8.02 -7.25 -7.45
CA VAL B 99 -7.52 -7.36 -6.09
C VAL B 99 -8.63 -6.94 -5.14
N SER B 100 -9.00 -7.83 -4.22
CA SER B 100 -10.07 -7.54 -3.28
C SER B 100 -9.58 -6.59 -2.20
N GLY B 101 -10.54 -5.89 -1.57
CA GLY B 101 -10.24 -4.95 -0.52
C GLY B 101 -10.79 -5.37 0.83
N THR B 102 -10.26 -4.81 1.90
CA THR B 102 -10.72 -5.12 3.24
C THR B 102 -10.57 -3.88 4.12
N THR B 103 -10.80 -4.04 5.42
CA THR B 103 -10.76 -2.92 6.34
C THR B 103 -9.35 -2.36 6.44
N GLY B 104 -9.27 -1.06 6.73
CA GLY B 104 -8.00 -0.42 6.97
C GLY B 104 -7.23 -0.01 5.74
N GLY B 105 -7.86 0.01 4.57
CA GLY B 105 -7.17 0.33 3.34
C GLY B 105 -6.33 -0.78 2.75
N TYR B 106 -6.11 -1.87 3.49
CA TYR B 106 -5.35 -2.99 2.97
C TYR B 106 -6.14 -3.68 1.85
N TYR B 107 -5.40 -4.25 0.91
CA TYR B 107 -5.95 -5.18 -0.06
C TYR B 107 -5.35 -6.55 0.24
N TYR B 108 -6.21 -7.57 0.37
CA TYR B 108 -5.74 -8.85 0.89
C TYR B 108 -5.39 -9.86 -0.19
N GLY B 109 -6.09 -9.85 -1.33
CA GLY B 109 -5.80 -10.85 -2.34
C GLY B 109 -6.45 -10.55 -3.66
N MET B 110 -6.12 -11.38 -4.65
CA MET B 110 -6.67 -11.30 -6.00
C MET B 110 -7.61 -12.49 -6.19
N ASP B 111 -8.91 -12.23 -6.07
CA ASP B 111 -9.89 -13.31 -6.10
C ASP B 111 -10.15 -13.81 -7.51
N VAL B 112 -10.40 -12.91 -8.45
CA VAL B 112 -10.74 -13.26 -9.82
C VAL B 112 -9.51 -13.08 -10.70
N TRP B 113 -9.43 -13.90 -11.75
CA TRP B 113 -8.30 -13.86 -12.66
C TRP B 113 -8.81 -13.97 -14.09
N GLY B 114 -7.90 -13.72 -15.05
CA GLY B 114 -8.22 -13.88 -16.45
C GLY B 114 -7.47 -15.03 -17.07
N GLN B 115 -7.86 -15.45 -18.28
CA GLN B 115 -7.23 -16.61 -18.91
C GLN B 115 -5.78 -16.33 -19.27
N GLY B 116 -5.37 -15.07 -19.33
CA GLY B 116 -4.00 -14.71 -19.63
C GLY B 116 -3.74 -14.47 -21.12
N THR B 117 -2.87 -13.52 -21.44
CA THR B 117 -2.46 -13.24 -22.82
C THR B 117 -0.96 -13.44 -22.94
N LEU B 118 -0.54 -14.24 -23.91
CA LEU B 118 0.87 -14.55 -24.12
C LEU B 118 1.45 -13.63 -25.19
N VAL B 119 2.50 -12.90 -24.85
CA VAL B 119 3.28 -12.16 -25.83
C VAL B 119 4.59 -12.91 -26.02
N THR B 120 5.02 -13.01 -27.27
CA THR B 120 6.25 -13.72 -27.61
C THR B 120 7.11 -12.78 -28.44
N VAL B 121 8.18 -12.27 -27.84
CA VAL B 121 9.09 -11.36 -28.53
C VAL B 121 10.08 -12.20 -29.33
N SER B 122 9.86 -12.27 -30.63
CA SER B 122 10.70 -13.05 -31.53
C SER B 122 11.32 -12.13 -32.57
N SER B 123 12.60 -12.34 -32.86
CA SER B 123 13.31 -11.51 -33.81
C SER B 123 12.78 -11.71 -35.24
N GLY C 131 18.97 -4.29 2.84
CA GLY C 131 17.76 -4.18 3.63
C GLY C 131 17.17 -2.78 3.62
N GLY C 132 17.60 -1.96 4.58
CA GLY C 132 17.15 -0.58 4.65
C GLY C 132 18.29 0.40 4.45
N SER C 133 18.14 1.34 3.52
CA SER C 133 19.20 2.28 3.19
C SER C 133 18.72 3.73 3.16
N GLY C 134 17.56 4.02 3.71
CA GLY C 134 17.02 5.37 3.69
C GLY C 134 16.29 5.74 2.42
N GLY C 135 16.27 4.86 1.42
CA GLY C 135 15.53 5.09 0.20
C GLY C 135 14.15 4.48 0.29
N GLY C 136 13.65 4.39 1.52
CA GLY C 136 12.37 3.77 1.78
C GLY C 136 12.50 2.28 1.98
N GLY C 137 11.36 1.66 2.23
CA GLY C 137 11.31 0.23 2.40
C GLY C 137 11.53 -0.51 1.09
N SER C 138 12.67 -1.20 0.98
CA SER C 138 12.96 -1.97 -0.21
C SER C 138 11.92 -3.07 -0.40
N ALA C 139 11.89 -3.64 -1.60
CA ALA C 139 10.89 -4.64 -1.94
C ALA C 139 10.92 -5.80 -0.97
N ILE C 140 9.81 -6.00 -0.26
CA ILE C 140 9.66 -7.10 0.68
C ILE C 140 9.88 -8.41 -0.05
N ARG C 141 10.98 -9.09 0.25
CA ARG C 141 11.40 -10.27 -0.49
C ARG C 141 10.86 -11.52 0.18
N MET C 142 10.11 -12.32 -0.56
CA MET C 142 9.52 -13.55 -0.05
C MET C 142 10.40 -14.72 -0.48
N THR C 143 10.88 -15.49 0.49
CA THR C 143 11.65 -16.70 0.23
C THR C 143 10.75 -17.90 0.52
N GLN C 144 10.37 -18.63 -0.53
CA GLN C 144 9.43 -19.72 -0.43
C GLN C 144 10.17 -21.06 -0.48
N SER C 145 9.63 -22.04 0.23
CA SER C 145 10.23 -23.36 0.34
C SER C 145 9.14 -24.39 0.52
N PRO C 146 9.32 -25.61 0.00
CA PRO C 146 10.47 -26.10 -0.77
C PRO C 146 10.38 -25.71 -2.23
N SER C 147 11.44 -25.96 -3.03
CA SER C 147 11.37 -25.63 -4.45
C SER C 147 10.54 -26.64 -5.23
N SER C 148 10.53 -27.90 -4.79
CA SER C 148 9.72 -28.92 -5.43
C SER C 148 9.49 -30.07 -4.47
N VAL C 149 8.43 -30.83 -4.72
CA VAL C 149 8.04 -31.95 -3.86
C VAL C 149 7.40 -33.03 -4.73
N SER C 150 7.70 -34.29 -4.42
CA SER C 150 7.00 -35.43 -4.96
C SER C 150 6.44 -36.25 -3.81
N ALA C 151 5.15 -36.58 -3.87
CA ALA C 151 4.50 -37.31 -2.79
C ALA C 151 3.43 -38.22 -3.37
N SER C 152 2.70 -38.90 -2.50
CA SER C 152 1.68 -39.86 -2.89
C SER C 152 0.29 -39.27 -2.66
N VAL C 153 -0.74 -40.07 -2.98
CA VAL C 153 -2.12 -39.65 -2.80
C VAL C 153 -2.54 -39.89 -1.36
N GLY C 154 -3.40 -39.01 -0.85
CA GLY C 154 -3.79 -39.03 0.55
C GLY C 154 -2.71 -38.56 1.50
N ASP C 155 -1.73 -37.81 1.02
CA ASP C 155 -0.51 -37.48 1.74
C ASP C 155 -0.57 -36.08 2.33
N ARG C 156 0.29 -35.83 3.32
CA ARG C 156 0.41 -34.53 3.95
C ARG C 156 1.70 -33.87 3.50
N VAL C 157 1.62 -32.59 3.14
CA VAL C 157 2.76 -31.81 2.69
C VAL C 157 2.62 -30.40 3.23
N THR C 158 3.75 -29.81 3.62
CA THR C 158 3.77 -28.46 4.17
C THR C 158 4.72 -27.60 3.34
N ILE C 159 4.28 -26.39 3.02
CA ILE C 159 5.05 -25.42 2.25
C ILE C 159 5.25 -24.18 3.11
N THR C 160 6.50 -23.73 3.23
CA THR C 160 6.85 -22.61 4.08
C THR C 160 7.23 -21.40 3.24
N CYS C 161 6.80 -20.22 3.69
CA CYS C 161 7.06 -18.96 3.00
C CYS C 161 7.60 -17.96 4.02
N ARG C 162 8.78 -17.43 3.78
CA ARG C 162 9.45 -16.51 4.69
C ARG C 162 9.59 -15.15 4.04
N ALA C 163 9.50 -14.09 4.85
CA ALA C 163 9.53 -12.72 4.37
C ALA C 163 10.75 -11.99 4.91
N SER C 164 11.21 -10.99 4.16
CA SER C 164 12.34 -10.18 4.63
C SER C 164 11.91 -9.28 5.78
N GLN C 165 10.77 -8.63 5.64
CA GLN C 165 10.23 -7.74 6.64
C GLN C 165 9.04 -8.43 7.34
N GLY C 166 8.29 -7.68 8.14
CA GLY C 166 7.11 -8.28 8.75
C GLY C 166 5.83 -7.90 8.01
N ILE C 167 5.14 -8.88 7.41
CA ILE C 167 3.91 -8.61 6.68
C ILE C 167 2.66 -8.88 7.50
N GLY C 168 2.81 -9.22 8.78
CA GLY C 168 1.64 -9.49 9.61
C GLY C 168 0.91 -10.73 9.14
N ASN C 169 -0.42 -10.64 9.08
CA ASN C 169 -1.26 -11.69 8.51
C ASN C 169 -1.58 -11.44 7.06
N TRP C 170 -1.00 -10.41 6.45
CA TRP C 170 -1.33 -10.03 5.08
C TRP C 170 -0.57 -10.86 4.06
N LEU C 171 -0.67 -12.18 4.15
CA LEU C 171 -0.11 -13.10 3.17
C LEU C 171 -1.25 -13.83 2.47
N ALA C 172 -0.97 -14.31 1.26
CA ALA C 172 -1.94 -15.07 0.50
C ALA C 172 -1.23 -16.23 -0.20
N TRP C 173 -1.92 -17.36 -0.29
CA TRP C 173 -1.41 -18.53 -1.00
C TRP C 173 -2.26 -18.77 -2.24
N TYR C 174 -1.60 -18.97 -3.38
CA TYR C 174 -2.28 -19.20 -4.65
C TYR C 174 -1.90 -20.57 -5.20
N GLN C 175 -2.80 -21.12 -6.01
CA GLN C 175 -2.61 -22.40 -6.67
C GLN C 175 -2.74 -22.19 -8.18
N GLN C 176 -1.78 -22.72 -8.94
CA GLN C 176 -1.83 -22.65 -10.41
C GLN C 176 -1.56 -24.03 -10.97
N LYS C 177 -2.53 -24.58 -11.65
CA LYS C 177 -2.39 -25.79 -12.43
C LYS C 177 -2.02 -25.41 -13.87
N PRO C 178 -1.33 -26.31 -14.59
CA PRO C 178 -0.79 -25.94 -15.92
C PRO C 178 -1.87 -25.38 -16.84
N GLY C 179 -1.51 -24.30 -17.54
CA GLY C 179 -2.42 -23.66 -18.48
C GLY C 179 -3.43 -22.77 -17.78
N ARG C 180 -4.14 -23.34 -16.81
CA ARG C 180 -5.13 -22.60 -16.07
C ARG C 180 -4.49 -21.47 -15.28
N ALA C 181 -5.25 -20.40 -15.10
CA ALA C 181 -4.79 -19.25 -14.34
C ALA C 181 -4.65 -19.61 -12.87
N PRO C 182 -3.78 -18.91 -12.15
CA PRO C 182 -3.66 -19.14 -10.71
C PRO C 182 -4.97 -18.84 -9.99
N LYS C 183 -5.26 -19.63 -8.96
CA LYS C 183 -6.46 -19.47 -8.16
C LYS C 183 -6.08 -19.20 -6.71
N LEU C 184 -6.77 -18.25 -6.09
CA LEU C 184 -6.55 -17.97 -4.68
C LEU C 184 -7.13 -19.10 -3.82
N LEU C 185 -6.35 -19.54 -2.84
CA LEU C 185 -6.79 -20.57 -1.90
C LEU C 185 -7.01 -20.03 -0.50
N ILE C 186 -6.01 -19.38 0.07
CA ILE C 186 -6.06 -18.87 1.43
C ILE C 186 -5.68 -17.41 1.44
N SER C 187 -6.50 -16.58 2.08
CA SER C 187 -6.22 -15.16 2.25
C SER C 187 -6.08 -14.85 3.73
N THR C 188 -5.62 -13.63 4.01
CA THR C 188 -5.44 -13.15 5.38
C THR C 188 -4.68 -14.18 6.21
N ALA C 189 -3.65 -14.77 5.61
CA ALA C 189 -2.80 -15.78 6.23
C ALA C 189 -3.54 -17.10 6.45
N SER C 190 -4.74 -17.05 7.02
CA SER C 190 -5.48 -18.24 7.39
C SER C 190 -6.89 -18.33 6.81
N SER C 191 -7.48 -17.22 6.36
CA SER C 191 -8.85 -17.26 5.86
C SER C 191 -8.91 -18.01 4.53
N LEU C 192 -9.81 -18.98 4.45
CA LEU C 192 -9.99 -19.79 3.24
C LEU C 192 -11.15 -19.23 2.43
N GLN C 193 -10.92 -19.05 1.13
CA GLN C 193 -11.98 -18.62 0.23
C GLN C 193 -13.00 -19.74 0.06
N SER C 194 -14.13 -19.40 -0.57
CA SER C 194 -15.19 -20.37 -0.76
C SER C 194 -14.76 -21.44 -1.76
N GLY C 195 -15.33 -22.64 -1.61
CA GLY C 195 -15.03 -23.73 -2.51
C GLY C 195 -13.66 -24.34 -2.32
N VAL C 196 -12.99 -24.04 -1.23
CA VAL C 196 -11.65 -24.55 -0.96
C VAL C 196 -11.77 -25.72 0.02
N PRO C 197 -11.24 -26.90 -0.29
CA PRO C 197 -11.34 -28.03 0.63
C PRO C 197 -10.60 -27.74 1.93
N SER C 198 -11.13 -28.29 3.03
CA SER C 198 -10.50 -28.09 4.33
C SER C 198 -9.14 -28.75 4.42
N ARG C 199 -8.83 -29.71 3.53
CA ARG C 199 -7.51 -30.31 3.53
C ARG C 199 -6.42 -29.29 3.25
N PHE C 200 -6.74 -28.26 2.47
CA PHE C 200 -5.85 -27.13 2.29
C PHE C 200 -5.94 -26.24 3.51
N SER C 201 -4.86 -26.17 4.30
CA SER C 201 -4.84 -25.37 5.51
C SER C 201 -3.50 -24.65 5.60
N GLY C 202 -3.54 -23.40 6.05
CA GLY C 202 -2.33 -22.60 6.13
C GLY C 202 -2.35 -21.72 7.36
N GLY C 203 -1.16 -21.48 7.91
CA GLY C 203 -1.03 -20.66 9.10
C GLY C 203 0.32 -19.99 9.14
N GLY C 204 0.47 -19.06 10.07
CA GLY C 204 1.70 -18.32 10.24
C GLY C 204 1.41 -16.89 10.64
N SER C 205 2.48 -16.19 11.02
CA SER C 205 2.39 -14.80 11.44
C SER C 205 3.77 -14.18 11.39
N GLY C 206 3.80 -12.85 11.30
CA GLY C 206 5.04 -12.10 11.27
C GLY C 206 5.85 -12.33 10.02
N ARG C 207 6.92 -13.12 10.13
CA ARG C 207 7.80 -13.40 9.00
C ARG C 207 7.77 -14.86 8.58
N GLY C 208 7.16 -15.75 9.36
CA GLY C 208 7.10 -17.15 9.02
C GLY C 208 5.68 -17.63 8.75
N PHE C 209 5.49 -18.36 7.65
CA PHE C 209 4.17 -18.79 7.23
C PHE C 209 4.26 -20.20 6.66
N THR C 210 3.14 -20.93 6.75
CA THR C 210 3.09 -22.31 6.30
C THR C 210 1.78 -22.55 5.54
N LEU C 211 1.81 -23.56 4.68
CA LEU C 211 0.61 -24.06 4.00
C LEU C 211 0.65 -25.58 4.07
N THR C 212 -0.37 -26.17 4.69
CA THR C 212 -0.39 -27.60 4.98
C THR C 212 -1.57 -28.25 4.25
N ILE C 213 -1.27 -29.14 3.32
CA ILE C 213 -2.29 -29.94 2.64
C ILE C 213 -2.35 -31.28 3.36
N SER C 214 -3.47 -31.53 4.04
CA SER C 214 -3.55 -32.71 4.91
C SER C 214 -3.61 -34.00 4.10
N SER C 215 -4.56 -34.11 3.17
CA SER C 215 -4.76 -35.31 2.38
C SER C 215 -4.54 -34.97 0.91
N LEU C 216 -3.40 -35.38 0.36
CA LEU C 216 -3.07 -35.06 -1.01
C LEU C 216 -3.96 -35.83 -1.97
N GLN C 217 -4.51 -35.14 -2.96
CA GLN C 217 -5.34 -35.76 -3.98
C GLN C 217 -4.83 -35.35 -5.36
N LEU C 218 -5.32 -36.06 -6.38
CA LEU C 218 -4.78 -35.88 -7.72
C LEU C 218 -5.01 -34.45 -8.23
N GLU C 219 -6.20 -33.90 -7.98
CA GLU C 219 -6.49 -32.55 -8.43
C GLU C 219 -5.65 -31.50 -7.71
N ASP C 220 -5.08 -31.85 -6.55
CA ASP C 220 -4.26 -30.92 -5.80
C ASP C 220 -2.91 -30.69 -6.45
N PHE C 221 -2.43 -31.65 -7.24
CA PHE C 221 -1.09 -31.57 -7.80
C PHE C 221 -0.96 -30.38 -8.74
N ALA C 222 -0.12 -29.42 -8.36
CA ALA C 222 0.10 -28.21 -9.14
C ALA C 222 1.31 -27.44 -8.63
N THR C 223 1.36 -26.14 -8.90
CA THR C 223 2.39 -25.26 -8.38
C THR C 223 1.74 -24.22 -7.49
N TYR C 224 2.31 -24.01 -6.30
CA TYR C 224 1.73 -23.12 -5.30
C TYR C 224 2.68 -21.97 -5.02
N TYR C 225 2.10 -20.77 -4.88
CA TYR C 225 2.86 -19.56 -4.64
C TYR C 225 2.36 -18.87 -3.37
N CYS C 226 3.17 -17.96 -2.86
CA CYS C 226 2.79 -17.09 -1.74
C CYS C 226 3.08 -15.65 -2.11
N GLN C 227 2.18 -14.75 -1.71
CA GLN C 227 2.27 -13.34 -2.04
C GLN C 227 2.10 -12.50 -0.79
N GLN C 228 2.87 -11.43 -0.69
CA GLN C 228 2.70 -10.45 0.38
C GLN C 228 1.77 -9.35 -0.09
N SER C 229 0.86 -8.94 0.79
CA SER C 229 -0.07 -7.84 0.50
C SER C 229 0.22 -6.62 1.35
N TYR C 230 1.36 -6.57 2.03
CA TYR C 230 1.72 -5.45 2.89
C TYR C 230 2.06 -4.20 2.06
N ILE C 231 3.34 -4.03 1.76
CA ILE C 231 3.81 -2.81 1.12
C ILE C 231 3.72 -2.97 -0.40
N THR C 232 3.52 -1.84 -1.08
CA THR C 232 3.20 -1.79 -2.52
C THR C 232 4.06 -2.69 -3.38
N PRO C 233 5.40 -2.76 -3.22
CA PRO C 233 6.16 -3.75 -4.01
C PRO C 233 5.67 -5.16 -3.74
N TRP C 234 4.50 -5.50 -4.30
CA TRP C 234 3.89 -6.80 -4.03
C TRP C 234 4.72 -7.91 -4.69
N THR C 235 5.28 -8.77 -3.86
CA THR C 235 6.22 -9.79 -4.32
C THR C 235 5.66 -11.18 -4.08
N PHE C 236 5.90 -12.08 -5.03
CA PHE C 236 5.53 -13.48 -4.92
C PHE C 236 6.74 -14.33 -4.58
N GLY C 237 6.48 -15.48 -3.97
CA GLY C 237 7.52 -16.47 -3.76
C GLY C 237 7.91 -17.14 -5.06
N GLN C 238 9.06 -17.82 -5.03
CA GLN C 238 9.53 -18.50 -6.23
C GLN C 238 8.56 -19.58 -6.67
N GLY C 239 7.95 -20.28 -5.71
CA GLY C 239 6.99 -21.30 -6.03
C GLY C 239 7.38 -22.69 -5.58
N THR C 240 6.40 -23.54 -5.30
CA THR C 240 6.63 -24.92 -4.91
C THR C 240 5.81 -25.82 -5.83
N LYS C 241 6.45 -26.88 -6.32
CA LYS C 241 5.84 -27.82 -7.25
C LYS C 241 5.52 -29.13 -6.55
N VAL C 242 4.28 -29.57 -6.66
CA VAL C 242 3.82 -30.82 -6.05
C VAL C 242 3.56 -31.81 -7.18
N GLU C 243 4.20 -32.98 -7.10
CA GLU C 243 4.13 -33.97 -8.16
C GLU C 243 3.71 -35.32 -7.58
N ILE C 244 3.02 -36.11 -8.41
CA ILE C 244 2.66 -37.48 -8.07
C ILE C 244 3.75 -38.41 -8.60
N LYS C 245 4.13 -39.38 -7.77
CA LYS C 245 5.24 -40.27 -8.14
C LYS C 245 4.87 -41.20 -9.28
N GLY C 246 3.64 -41.69 -9.30
CA GLY C 246 3.20 -42.64 -10.30
C GLY C 246 3.28 -42.14 -11.73
C1 NAG D . -16.20 8.58 14.27
C2 NAG D . -17.64 8.77 14.78
C3 NAG D . -17.67 9.83 15.87
C4 NAG D . -16.70 9.46 16.98
C5 NAG D . -15.30 9.20 16.38
C6 NAG D . -14.27 8.76 17.40
C7 NAG D . -19.43 8.24 13.19
C8 NAG D . -20.26 8.79 12.05
N2 NAG D . -18.52 9.10 13.69
O3 NAG D . -18.98 9.95 16.34
O4 NAG D . -16.68 10.53 17.90
O5 NAG D . -15.40 8.21 15.37
O6 NAG D . -14.76 7.65 18.11
O7 NAG D . -19.59 7.11 13.61
C1 NAG E . 11.97 3.70 17.56
C2 NAG E . 13.07 2.69 17.21
C3 NAG E . 12.72 1.30 17.71
C4 NAG E . 12.42 1.36 19.21
C5 NAG E . 11.32 2.40 19.45
C6 NAG E . 10.94 2.54 20.92
C7 NAG E . 14.43 3.16 15.21
C8 NAG E . 14.47 3.03 13.71
N2 NAG E . 13.33 2.68 15.80
O3 NAG E . 13.78 0.44 17.41
O4 NAG E . 12.03 0.06 19.61
O5 NAG E . 11.74 3.66 18.96
O6 NAG E . 9.88 3.45 21.05
O7 NAG E . 15.36 3.67 15.83
#